data_7P4X
#
_entry.id   7P4X
#
_entity_poly.entity_id   1
_entity_poly.type   'polypeptide(L)'
_entity_poly.pdbx_seq_one_letter_code
;GFLDIIKDTGKEFAVKILNNLKCKLAGGCPP
;
_entity_poly.pdbx_strand_id   A
#
# COMPACT_ATOMS: atom_id res chain seq x y z
N GLY A 1 16.45 9.51 0.36
CA GLY A 1 17.31 9.08 1.44
C GLY A 1 16.88 9.72 2.73
N PHE A 2 16.98 11.06 2.79
CA PHE A 2 16.79 11.84 4.01
C PHE A 2 15.56 12.73 3.94
N LEU A 3 14.64 12.45 2.99
CA LEU A 3 13.46 13.28 2.77
C LEU A 3 12.35 13.01 3.78
N ASP A 4 12.44 11.88 4.52
CA ASP A 4 11.76 11.40 5.72
C ASP A 4 10.32 11.80 6.03
N ILE A 5 9.57 11.98 4.94
CA ILE A 5 8.15 12.15 4.84
C ILE A 5 7.91 11.38 3.56
N ILE A 6 8.44 11.93 2.43
CA ILE A 6 8.31 11.42 1.08
C ILE A 6 8.81 9.98 0.91
N LYS A 7 9.93 9.64 1.60
CA LYS A 7 10.53 8.31 1.59
C LYS A 7 9.58 7.21 2.06
N ASP A 8 8.58 7.53 2.92
CA ASP A 8 7.71 6.52 3.48
C ASP A 8 6.24 6.81 3.32
N THR A 9 5.76 8.08 3.24
CA THR A 9 4.36 8.35 2.93
C THR A 9 3.96 7.90 1.53
N GLY A 10 4.84 8.07 0.53
CA GLY A 10 4.59 7.57 -0.82
C GLY A 10 4.57 6.06 -0.92
N LYS A 11 5.43 5.38 -0.12
CA LYS A 11 5.40 3.93 -0.02
C LYS A 11 4.15 3.42 0.68
N GLU A 12 3.76 4.06 1.80
CA GLU A 12 2.57 3.74 2.58
C GLU A 12 1.30 3.92 1.77
N PHE A 13 1.19 5.02 0.99
CA PHE A 13 0.08 5.25 0.09
C PHE A 13 -0.09 4.15 -0.95
N ALA A 14 1.01 3.75 -1.62
CA ALA A 14 1.00 2.63 -2.55
C ALA A 14 0.72 1.28 -1.89
N VAL A 15 1.40 0.95 -0.77
CA VAL A 15 1.26 -0.32 -0.06
C VAL A 15 -0.14 -0.53 0.49
N LYS A 16 -0.79 0.52 1.03
CA LYS A 16 -2.16 0.48 1.49
C LYS A 16 -3.15 0.08 0.40
N ILE A 17 -3.01 0.69 -0.80
CA ILE A 17 -3.80 0.35 -1.97
C ILE A 17 -3.49 -1.05 -2.48
N LEU A 18 -2.19 -1.39 -2.61
CA LEU A 18 -1.74 -2.70 -3.07
C LEU A 18 -2.16 -3.85 -2.18
N ASN A 19 -2.08 -3.70 -0.84
CA ASN A 19 -2.55 -4.71 0.10
C ASN A 19 -4.07 -4.92 0.02
N ASN A 20 -4.86 -3.83 -0.09
CA ASN A 20 -6.30 -3.92 -0.29
C ASN A 20 -6.66 -4.59 -1.61
N LEU A 21 -5.97 -4.22 -2.70
CA LEU A 21 -6.07 -4.86 -3.99
C LEU A 21 -5.65 -6.33 -3.97
N LYS A 22 -4.59 -6.70 -3.24
CA LYS A 22 -4.19 -8.10 -3.06
C LYS A 22 -5.27 -8.92 -2.38
N CYS A 23 -5.91 -8.38 -1.33
CA CYS A 23 -7.08 -8.99 -0.68
C CYS A 23 -8.28 -9.16 -1.60
N LYS A 24 -8.65 -8.13 -2.38
CA LYS A 24 -9.79 -8.23 -3.28
C LYS A 24 -9.54 -8.97 -4.58
N LEU A 25 -8.43 -8.68 -5.29
CA LEU A 25 -8.19 -9.16 -6.64
C LEU A 25 -7.57 -10.54 -6.69
N ALA A 26 -6.96 -11.00 -5.58
CA ALA A 26 -6.55 -12.40 -5.46
C ALA A 26 -7.54 -13.18 -4.62
N GLY A 27 -8.63 -12.53 -4.15
CA GLY A 27 -9.76 -13.17 -3.51
C GLY A 27 -9.57 -13.59 -2.08
N GLY A 28 -8.40 -13.30 -1.47
CA GLY A 28 -8.03 -13.89 -0.19
C GLY A 28 -8.63 -13.27 1.04
N CYS A 29 -9.20 -12.05 0.92
CA CYS A 29 -9.87 -11.40 2.04
C CYS A 29 -10.68 -10.18 1.60
N PRO A 30 -11.57 -10.22 0.60
CA PRO A 30 -12.30 -9.04 0.15
C PRO A 30 -13.19 -8.35 1.19
N PRO A 31 -13.05 -7.08 1.57
CA PRO A 31 -14.09 -6.40 2.35
C PRO A 31 -15.26 -6.01 1.46
N GLY A 1 13.51 8.35 0.04
CA GLY A 1 14.68 7.49 -0.06
C GLY A 1 15.56 7.62 1.13
N PHE A 2 15.16 8.52 2.05
CA PHE A 2 15.92 9.00 3.19
C PHE A 2 15.24 10.26 3.71
N LEU A 3 14.66 11.07 2.80
CA LEU A 3 14.21 12.42 3.06
C LEU A 3 12.92 12.57 3.88
N ASP A 4 12.92 12.02 5.12
CA ASP A 4 12.16 12.35 6.33
C ASP A 4 10.61 12.28 6.30
N ILE A 5 10.00 12.41 5.12
CA ILE A 5 8.57 12.33 4.90
C ILE A 5 8.36 11.46 3.68
N ILE A 6 9.18 11.68 2.62
CA ILE A 6 9.11 11.03 1.32
C ILE A 6 9.31 9.53 1.42
N LYS A 7 10.23 9.11 2.32
CA LYS A 7 10.61 7.71 2.51
C LYS A 7 9.48 6.81 3.02
N ASP A 8 8.40 7.37 3.57
CA ASP A 8 7.30 6.53 4.00
C ASP A 8 5.93 7.01 3.54
N THR A 9 5.70 8.31 3.29
CA THR A 9 4.41 8.75 2.71
C THR A 9 4.13 8.20 1.32
N GLY A 10 5.15 8.21 0.43
CA GLY A 10 5.05 7.60 -0.89
C GLY A 10 4.95 6.09 -0.84
N LYS A 11 5.61 5.47 0.15
CA LYS A 11 5.46 4.04 0.41
C LYS A 11 4.05 3.69 0.84
N GLU A 12 3.48 4.43 1.81
CA GLU A 12 2.18 4.16 2.37
C GLU A 12 1.05 4.29 1.37
N PHE A 13 1.09 5.30 0.48
CA PHE A 13 0.11 5.43 -0.58
C PHE A 13 0.08 4.21 -1.51
N ALA A 14 1.25 3.77 -2.02
CA ALA A 14 1.30 2.59 -2.87
C ALA A 14 1.03 1.28 -2.13
N VAL A 15 1.70 1.05 -0.98
CA VAL A 15 1.61 -0.17 -0.22
C VAL A 15 0.23 -0.40 0.38
N LYS A 16 -0.44 0.64 0.92
CA LYS A 16 -1.79 0.46 1.45
C LYS A 16 -2.84 0.17 0.37
N ILE A 17 -2.72 0.78 -0.83
CA ILE A 17 -3.52 0.40 -1.99
C ILE A 17 -3.25 -1.04 -2.41
N LEU A 18 -1.97 -1.48 -2.49
CA LEU A 18 -1.60 -2.86 -2.76
C LEU A 18 -2.13 -3.85 -1.72
N ASN A 19 -2.11 -3.48 -0.42
CA ASN A 19 -2.71 -4.25 0.66
C ASN A 19 -4.22 -4.44 0.47
N ASN A 20 -4.95 -3.38 0.06
CA ASN A 20 -6.36 -3.44 -0.28
C ASN A 20 -6.60 -4.32 -1.53
N LEU A 21 -5.76 -4.17 -2.58
CA LEU A 21 -5.79 -5.01 -3.77
C LEU A 21 -5.52 -6.48 -3.49
N LYS A 22 -4.62 -6.81 -2.55
CA LYS A 22 -4.41 -8.19 -2.12
C LYS A 22 -5.68 -8.82 -1.53
N CYS A 23 -6.42 -8.07 -0.71
CA CYS A 23 -7.72 -8.49 -0.22
C CYS A 23 -8.81 -8.56 -1.29
N LYS A 24 -8.95 -7.51 -2.11
CA LYS A 24 -10.06 -7.38 -3.05
C LYS A 24 -9.84 -8.01 -4.42
N LEU A 25 -8.69 -7.74 -5.08
CA LEU A 25 -8.40 -8.19 -6.43
C LEU A 25 -7.82 -9.59 -6.44
N ALA A 26 -6.96 -9.91 -5.47
CA ALA A 26 -6.34 -11.22 -5.39
C ALA A 26 -7.11 -12.16 -4.47
N GLY A 27 -8.24 -11.69 -3.90
CA GLY A 27 -9.20 -12.53 -3.19
C GLY A 27 -8.83 -12.94 -1.79
N GLY A 28 -7.74 -12.39 -1.22
CA GLY A 28 -7.15 -12.94 0.00
C GLY A 28 -7.83 -12.62 1.31
N CYS A 29 -8.85 -11.73 1.29
CA CYS A 29 -9.58 -11.30 2.47
C CYS A 29 -10.66 -10.27 2.12
N PRO A 30 -11.46 -10.42 1.06
CA PRO A 30 -12.29 -9.33 0.53
C PRO A 30 -13.29 -8.71 1.51
N PRO A 31 -13.28 -7.42 1.85
CA PRO A 31 -14.35 -6.85 2.67
C PRO A 31 -15.58 -6.56 1.82
N GLY A 1 14.09 5.42 2.80
CA GLY A 1 13.81 6.49 3.76
C GLY A 1 14.85 7.57 3.79
N PHE A 2 14.67 8.49 4.74
CA PHE A 2 15.53 9.60 5.10
C PHE A 2 15.24 10.84 4.26
N LEU A 3 14.03 10.90 3.66
CA LEU A 3 13.57 12.05 2.89
C LEU A 3 12.31 12.60 3.55
N ASP A 4 11.99 12.10 4.76
CA ASP A 4 10.98 12.52 5.72
C ASP A 4 9.52 12.34 5.27
N ILE A 5 9.30 12.26 3.96
CA ILE A 5 8.02 12.02 3.31
C ILE A 5 8.25 11.05 2.17
N ILE A 6 9.13 11.40 1.21
CA ILE A 6 9.17 10.84 -0.14
C ILE A 6 9.37 9.33 -0.22
N LYS A 7 10.28 8.76 0.60
CA LYS A 7 10.53 7.33 0.60
C LYS A 7 10.13 6.78 1.95
N ASP A 8 9.36 7.55 2.71
CA ASP A 8 9.22 7.41 4.14
C ASP A 8 7.77 7.18 4.48
N THR A 9 6.85 7.96 3.87
CA THR A 9 5.40 7.74 3.90
C THR A 9 4.82 7.69 2.49
N GLY A 10 5.60 8.07 1.46
CA GLY A 10 5.15 8.05 0.06
C GLY A 10 4.94 6.69 -0.52
N LYS A 11 5.71 5.68 -0.05
CA LYS A 11 5.56 4.29 -0.46
C LYS A 11 4.27 3.72 0.08
N GLU A 12 3.99 4.03 1.35
CA GLU A 12 2.95 3.56 2.22
C GLU A 12 1.58 3.84 1.66
N PHE A 13 1.38 5.00 1.01
CA PHE A 13 0.15 5.31 0.30
C PHE A 13 -0.14 4.31 -0.82
N ALA A 14 0.85 4.00 -1.68
CA ALA A 14 0.73 3.00 -2.72
C ALA A 14 0.62 1.58 -2.17
N VAL A 15 1.45 1.21 -1.18
CA VAL A 15 1.45 -0.10 -0.53
C VAL A 15 0.14 -0.40 0.19
N LYS A 16 -0.46 0.60 0.88
CA LYS A 16 -1.77 0.46 1.48
C LYS A 16 -2.87 0.21 0.46
N ILE A 17 -2.84 0.91 -0.70
CA ILE A 17 -3.74 0.64 -1.81
C ILE A 17 -3.52 -0.75 -2.41
N LEU A 18 -2.26 -1.15 -2.67
CA LEU A 18 -1.91 -2.46 -3.22
C LEU A 18 -2.31 -3.61 -2.32
N ASN A 19 -2.05 -3.53 -0.99
CA ASN A 19 -2.48 -4.54 -0.04
C ASN A 19 -4.01 -4.65 0.04
N ASN A 20 -4.73 -3.51 -0.01
CA ASN A 20 -6.18 -3.46 -0.09
C ASN A 20 -6.71 -4.12 -1.36
N LEU A 21 -6.08 -3.88 -2.52
CA LEU A 21 -6.37 -4.57 -3.77
C LEU A 21 -6.07 -6.05 -3.72
N LYS A 22 -4.91 -6.48 -3.17
CA LYS A 22 -4.55 -7.87 -3.02
C LYS A 22 -5.54 -8.66 -2.20
N CYS A 23 -6.00 -8.11 -1.07
CA CYS A 23 -7.07 -8.73 -0.29
C CYS A 23 -8.35 -8.89 -1.10
N LYS A 24 -8.76 -7.83 -1.84
CA LYS A 24 -9.96 -7.86 -2.64
C LYS A 24 -9.93 -8.79 -3.86
N LEU A 25 -8.84 -8.83 -4.64
CA LEU A 25 -8.82 -9.55 -5.91
C LEU A 25 -7.87 -10.74 -6.00
N ALA A 26 -6.85 -10.85 -5.12
CA ALA A 26 -5.93 -11.98 -5.16
C ALA A 26 -6.22 -12.97 -4.04
N GLY A 27 -7.13 -12.60 -3.12
CA GLY A 27 -7.69 -13.49 -2.10
C GLY A 27 -9.17 -13.57 -2.24
N GLY A 28 -9.86 -12.43 -2.06
CA GLY A 28 -11.29 -12.29 -2.37
C GLY A 28 -12.07 -11.64 -1.26
N CYS A 29 -11.41 -11.35 -0.12
CA CYS A 29 -12.02 -10.81 1.08
C CYS A 29 -12.28 -9.31 1.00
N PRO A 30 -13.25 -8.73 1.71
CA PRO A 30 -13.15 -7.34 2.11
C PRO A 30 -12.13 -7.21 3.26
N PRO A 31 -11.23 -6.25 3.34
CA PRO A 31 -10.36 -6.10 4.51
C PRO A 31 -11.12 -5.44 5.65
N GLY A 1 13.80 4.94 3.45
CA GLY A 1 13.57 6.24 4.03
C GLY A 1 14.75 7.15 3.87
N PHE A 2 14.60 8.41 4.36
CA PHE A 2 15.59 9.46 4.55
C PHE A 2 14.93 10.85 4.55
N LEU A 3 13.84 11.06 3.79
CA LEU A 3 13.35 12.41 3.50
C LEU A 3 12.02 12.72 4.19
N ASP A 4 11.65 11.93 5.22
CA ASP A 4 10.48 12.06 6.09
C ASP A 4 9.12 11.85 5.39
N ILE A 5 9.06 12.05 4.05
CA ILE A 5 7.91 11.76 3.22
C ILE A 5 8.33 10.92 2.02
N ILE A 6 9.33 11.38 1.23
CA ILE A 6 9.57 10.96 -0.15
C ILE A 6 9.89 9.48 -0.35
N LYS A 7 10.76 8.88 0.49
CA LYS A 7 11.04 7.45 0.42
C LYS A 7 10.37 6.77 1.60
N ASP A 8 9.56 7.53 2.35
CA ASP A 8 9.32 7.31 3.74
C ASP A 8 7.84 6.98 3.91
N THR A 9 6.96 7.97 4.21
CA THR A 9 5.53 7.75 4.34
C THR A 9 4.80 7.80 3.01
N GLY A 10 5.42 8.35 1.93
CA GLY A 10 4.79 8.45 0.61
C GLY A 10 4.71 7.14 -0.12
N LYS A 11 5.39 6.11 0.42
CA LYS A 11 5.24 4.72 0.00
C LYS A 11 3.84 4.17 0.25
N GLU A 12 3.17 4.60 1.34
CA GLU A 12 1.89 4.09 1.80
C GLU A 12 0.77 4.20 0.79
N PHE A 13 0.74 5.31 0.02
CA PHE A 13 -0.24 5.58 -1.01
C PHE A 13 -0.26 4.50 -2.10
N ALA A 14 0.90 3.99 -2.51
CA ALA A 14 0.93 2.84 -3.39
C ALA A 14 0.90 1.52 -2.61
N VAL A 15 1.86 1.30 -1.71
CA VAL A 15 2.12 0.00 -1.10
C VAL A 15 1.01 -0.50 -0.20
N LYS A 16 0.47 0.35 0.69
CA LYS A 16 -0.57 -0.06 1.62
C LYS A 16 -1.89 -0.29 0.91
N ILE A 17 -2.26 0.63 -0.01
CA ILE A 17 -3.47 0.53 -0.81
C ILE A 17 -3.44 -0.67 -1.76
N LEU A 18 -2.33 -0.93 -2.49
CA LEU A 18 -2.19 -2.12 -3.33
C LEU A 18 -2.25 -3.42 -2.54
N ASN A 19 -1.62 -3.48 -1.35
CA ASN A 19 -1.68 -4.65 -0.47
C ASN A 19 -3.12 -4.97 -0.04
N ASN A 20 -3.92 -3.94 0.27
CA ASN A 20 -5.35 -4.06 0.52
C ASN A 20 -6.16 -4.44 -0.74
N LEU A 21 -5.91 -3.77 -1.89
CA LEU A 21 -6.62 -4.02 -3.14
C LEU A 21 -6.42 -5.43 -3.67
N LYS A 22 -5.20 -6.00 -3.58
CA LYS A 22 -4.94 -7.35 -4.02
C LYS A 22 -5.60 -8.40 -3.15
N CYS A 23 -5.98 -8.09 -1.89
CA CYS A 23 -6.87 -8.97 -1.15
C CYS A 23 -8.23 -9.09 -1.84
N LYS A 24 -8.80 -7.97 -2.28
CA LYS A 24 -10.05 -7.93 -3.02
C LYS A 24 -9.98 -8.54 -4.41
N LEU A 25 -8.94 -8.25 -5.21
CA LEU A 25 -8.90 -8.66 -6.61
C LEU A 25 -8.04 -9.88 -6.93
N ALA A 26 -7.00 -10.19 -6.13
CA ALA A 26 -6.18 -11.38 -6.36
C ALA A 26 -6.67 -12.54 -5.52
N GLY A 27 -6.78 -12.34 -4.19
CA GLY A 27 -7.27 -13.34 -3.25
C GLY A 27 -8.78 -13.43 -3.18
N GLY A 28 -9.49 -12.47 -3.81
CA GLY A 28 -10.92 -12.46 -3.97
C GLY A 28 -11.75 -12.03 -2.77
N CYS A 29 -11.13 -11.72 -1.63
CA CYS A 29 -11.81 -11.60 -0.36
C CYS A 29 -12.36 -10.21 -0.08
N PRO A 30 -13.58 -10.02 0.44
CA PRO A 30 -13.96 -8.74 1.04
C PRO A 30 -13.28 -8.58 2.40
N PRO A 31 -12.96 -7.39 2.90
CA PRO A 31 -12.61 -7.20 4.30
C PRO A 31 -13.83 -7.31 5.19
N GLY A 1 16.40 7.94 2.12
CA GLY A 1 15.73 7.14 3.12
C GLY A 1 15.29 8.00 4.28
N PHE A 2 15.93 9.16 4.45
CA PHE A 2 15.81 10.00 5.62
C PHE A 2 14.77 11.11 5.43
N LEU A 3 14.01 11.07 4.31
CA LEU A 3 13.04 12.08 3.93
C LEU A 3 11.88 12.25 4.92
N ASP A 4 11.40 11.12 5.48
CA ASP A 4 10.37 11.03 6.53
C ASP A 4 9.01 11.67 6.22
N ILE A 5 8.73 11.85 4.92
CA ILE A 5 7.45 12.15 4.34
C ILE A 5 7.40 11.31 3.08
N ILE A 6 8.30 11.61 2.11
CA ILE A 6 8.36 11.01 0.78
C ILE A 6 8.55 9.50 0.82
N LYS A 7 9.33 8.99 1.80
CA LYS A 7 9.62 7.58 1.92
C LYS A 7 8.53 6.85 2.70
N ASP A 8 7.42 7.54 3.01
CA ASP A 8 6.30 6.98 3.75
C ASP A 8 5.01 7.18 3.02
N THR A 9 4.67 8.42 2.61
CA THR A 9 3.47 8.71 1.84
C THR A 9 3.49 8.06 0.48
N GLY A 10 4.63 8.11 -0.22
CA GLY A 10 4.91 7.39 -1.47
C GLY A 10 4.64 5.92 -1.42
N LYS A 11 5.25 5.19 -0.46
CA LYS A 11 4.97 3.78 -0.30
C LYS A 11 3.55 3.47 0.16
N GLU A 12 2.99 4.21 1.13
CA GLU A 12 1.64 3.99 1.63
C GLU A 12 0.56 4.19 0.58
N PHE A 13 0.68 5.22 -0.28
CA PHE A 13 -0.26 5.44 -1.37
C PHE A 13 -0.31 4.26 -2.34
N ALA A 14 0.85 3.74 -2.78
CA ALA A 14 0.86 2.58 -3.63
C ALA A 14 0.47 1.28 -2.92
N VAL A 15 1.11 0.97 -1.77
CA VAL A 15 0.94 -0.29 -1.06
C VAL A 15 -0.44 -0.45 -0.45
N LYS A 16 -1.00 0.58 0.21
CA LYS A 16 -2.31 0.48 0.82
C LYS A 16 -3.44 0.36 -0.19
N ILE A 17 -3.36 1.10 -1.32
CA ILE A 17 -4.28 0.94 -2.44
C ILE A 17 -4.16 -0.45 -3.08
N LEU A 18 -2.94 -0.96 -3.34
CA LEU A 18 -2.73 -2.31 -3.83
C LEU A 18 -3.23 -3.39 -2.88
N ASN A 19 -3.03 -3.22 -1.55
CA ASN A 19 -3.59 -4.08 -0.52
C ASN A 19 -5.12 -4.08 -0.56
N ASN A 20 -5.78 -2.91 -0.71
CA ASN A 20 -7.21 -2.87 -0.90
C ASN A 20 -7.66 -3.56 -2.20
N LEU A 21 -7.00 -3.26 -3.33
CA LEU A 21 -7.33 -3.81 -4.63
C LEU A 21 -7.16 -5.32 -4.75
N LYS A 22 -6.04 -5.90 -4.26
CA LYS A 22 -5.75 -7.32 -4.36
C LYS A 22 -6.78 -8.19 -3.68
N CYS A 23 -7.35 -7.72 -2.55
CA CYS A 23 -8.40 -8.43 -1.83
C CYS A 23 -9.73 -8.41 -2.55
N LYS A 24 -9.93 -7.46 -3.50
CA LYS A 24 -11.18 -7.33 -4.24
C LYS A 24 -11.08 -7.92 -5.65
N LEU A 25 -9.86 -8.07 -6.22
CA LEU A 25 -9.69 -8.66 -7.54
C LEU A 25 -8.97 -10.01 -7.53
N ALA A 26 -8.55 -10.49 -6.34
CA ALA A 26 -7.93 -11.80 -6.22
C ALA A 26 -8.18 -12.43 -4.85
N GLY A 27 -8.96 -11.79 -3.97
CA GLY A 27 -9.54 -12.43 -2.79
C GLY A 27 -8.62 -12.68 -1.62
N GLY A 28 -7.33 -12.28 -1.69
CA GLY A 28 -6.36 -12.75 -0.71
C GLY A 28 -5.25 -11.79 -0.41
N CYS A 29 -5.31 -11.21 0.81
CA CYS A 29 -4.32 -10.33 1.45
C CYS A 29 -4.88 -9.64 2.70
N PRO A 30 -5.61 -10.27 3.62
CA PRO A 30 -6.38 -9.57 4.66
C PRO A 30 -5.54 -8.59 5.52
N PRO A 31 -5.83 -7.30 5.64
CA PRO A 31 -4.94 -6.35 6.29
C PRO A 31 -4.98 -6.50 7.79
N GLY A 1 15.58 10.19 0.69
CA GLY A 1 15.61 8.94 1.43
C GLY A 1 15.31 9.20 2.88
N PHE A 2 15.96 10.21 3.46
CA PHE A 2 15.95 10.49 4.90
C PHE A 2 15.14 11.75 5.19
N LEU A 3 14.18 12.09 4.31
CA LEU A 3 13.39 13.30 4.42
C LEU A 3 12.06 13.03 5.12
N ASP A 4 11.83 11.77 5.54
CA ASP A 4 10.61 11.19 6.05
C ASP A 4 9.28 11.65 5.43
N ILE A 5 9.10 11.19 4.17
CA ILE A 5 8.03 11.39 3.20
C ILE A 5 8.33 10.39 2.08
N ILE A 6 9.58 10.42 1.55
CA ILE A 6 10.06 9.70 0.37
C ILE A 6 10.18 8.18 0.54
N LYS A 7 10.65 7.72 1.71
CA LYS A 7 10.77 6.31 2.06
C LYS A 7 9.41 5.78 2.54
N ASP A 8 8.58 6.73 2.96
CA ASP A 8 7.52 6.57 3.92
C ASP A 8 6.12 6.75 3.33
N THR A 9 5.46 7.89 3.58
CA THR A 9 4.08 8.21 3.19
C THR A 9 3.88 8.26 1.69
N GLY A 10 4.90 8.67 0.92
CA GLY A 10 4.85 8.69 -0.54
C GLY A 10 4.99 7.32 -1.15
N LYS A 11 5.32 6.28 -0.36
CA LYS A 11 5.16 4.90 -0.78
C LYS A 11 3.80 4.36 -0.38
N GLU A 12 3.37 4.59 0.88
CA GLU A 12 2.13 4.05 1.43
C GLU A 12 0.87 4.63 0.81
N PHE A 13 0.97 5.78 0.13
CA PHE A 13 -0.05 6.31 -0.75
C PHE A 13 -0.43 5.30 -1.86
N ALA A 14 0.55 4.58 -2.42
CA ALA A 14 0.30 3.50 -3.34
C ALA A 14 0.24 2.15 -2.64
N VAL A 15 1.27 1.78 -1.86
CA VAL A 15 1.51 0.42 -1.36
C VAL A 15 0.42 -0.10 -0.43
N LYS A 16 -0.05 0.72 0.54
CA LYS A 16 -1.12 0.38 1.45
C LYS A 16 -2.44 0.11 0.72
N ILE A 17 -2.77 0.97 -0.27
CA ILE A 17 -3.92 0.80 -1.13
C ILE A 17 -3.80 -0.45 -1.99
N LEU A 18 -2.63 -0.69 -2.62
CA LEU A 18 -2.35 -1.88 -3.40
C LEU A 18 -2.43 -3.17 -2.59
N ASN A 19 -1.92 -3.18 -1.35
CA ASN A 19 -2.06 -4.29 -0.41
C ASN A 19 -3.53 -4.61 -0.12
N ASN A 20 -4.33 -3.58 0.19
CA ASN A 20 -5.74 -3.73 0.50
C ASN A 20 -6.58 -4.12 -0.73
N LEU A 21 -6.23 -3.62 -1.92
CA LEU A 21 -6.76 -4.09 -3.19
C LEU A 21 -6.41 -5.54 -3.50
N LYS A 22 -5.15 -5.98 -3.21
CA LYS A 22 -4.66 -7.33 -3.46
C LYS A 22 -5.46 -8.39 -2.74
N CYS A 23 -5.92 -8.10 -1.51
CA CYS A 23 -6.86 -8.91 -0.76
C CYS A 23 -8.17 -9.19 -1.48
N LYS A 24 -8.72 -8.19 -2.22
CA LYS A 24 -9.88 -8.41 -3.07
C LYS A 24 -9.54 -9.05 -4.41
N LEU A 25 -8.53 -8.56 -5.17
CA LEU A 25 -8.32 -9.00 -6.54
C LEU A 25 -7.56 -10.31 -6.68
N ALA A 26 -6.86 -10.78 -5.63
CA ALA A 26 -6.33 -12.13 -5.59
C ALA A 26 -7.25 -13.02 -4.76
N GLY A 27 -8.33 -12.45 -4.19
CA GLY A 27 -9.41 -13.18 -3.53
C GLY A 27 -9.12 -13.68 -2.14
N GLY A 28 -7.93 -13.41 -1.59
CA GLY A 28 -7.47 -14.05 -0.36
C GLY A 28 -8.00 -13.49 0.93
N CYS A 29 -8.60 -12.28 0.91
CA CYS A 29 -9.17 -11.71 2.12
C CYS A 29 -10.09 -10.53 1.83
N PRO A 30 -11.08 -10.57 0.93
CA PRO A 30 -11.96 -9.43 0.66
C PRO A 30 -12.76 -8.91 1.87
N PRO A 31 -12.67 -7.66 2.34
CA PRO A 31 -13.59 -7.18 3.37
C PRO A 31 -14.94 -6.83 2.78
N GLY A 1 14.07 5.41 0.11
CA GLY A 1 14.79 5.48 1.36
C GLY A 1 15.10 6.89 1.77
N PHE A 2 14.30 7.43 2.70
CA PHE A 2 14.56 8.63 3.49
C PHE A 2 14.48 9.96 2.74
N LEU A 3 13.39 10.69 2.98
CA LEU A 3 13.29 12.11 2.72
C LEU A 3 12.37 12.69 3.79
N ASP A 4 12.34 12.00 4.96
CA ASP A 4 11.62 12.30 6.20
C ASP A 4 10.09 12.32 6.11
N ILE A 5 9.55 12.53 4.89
CA ILE A 5 8.16 12.47 4.53
C ILE A 5 8.07 11.84 3.17
N ILE A 6 8.64 12.48 2.12
CA ILE A 6 8.25 12.29 0.73
C ILE A 6 8.42 10.88 0.17
N LYS A 7 9.58 10.22 0.38
CA LYS A 7 9.79 8.88 -0.13
C LYS A 7 9.10 7.84 0.73
N ASP A 8 8.72 8.22 1.96
CA ASP A 8 8.48 7.26 3.01
C ASP A 8 6.99 7.17 3.28
N THR A 9 6.28 8.31 3.22
CA THR A 9 4.83 8.37 3.03
C THR A 9 4.41 7.84 1.67
N GLY A 10 5.14 8.18 0.59
CA GLY A 10 4.84 7.71 -0.76
C GLY A 10 4.98 6.22 -0.95
N LYS A 11 5.98 5.59 -0.29
CA LYS A 11 6.06 4.13 -0.20
C LYS A 11 4.89 3.54 0.58
N GLU A 12 4.52 4.13 1.74
CA GLU A 12 3.41 3.67 2.56
C GLU A 12 2.08 3.71 1.82
N PHE A 13 1.79 4.83 1.12
CA PHE A 13 0.59 5.03 0.34
C PHE A 13 0.42 3.99 -0.77
N ALA A 14 1.49 3.71 -1.55
CA ALA A 14 1.48 2.69 -2.57
C ALA A 14 1.28 1.28 -2.03
N VAL A 15 2.00 0.92 -0.93
CA VAL A 15 1.85 -0.35 -0.25
C VAL A 15 0.47 -0.53 0.37
N LYS A 16 -0.07 0.51 1.02
CA LYS A 16 -1.39 0.49 1.63
C LYS A 16 -2.52 0.32 0.63
N ILE A 17 -2.46 1.01 -0.52
CA ILE A 17 -3.38 0.80 -1.63
C ILE A 17 -3.26 -0.61 -2.19
N LEU A 18 -2.03 -1.12 -2.41
CA LEU A 18 -1.79 -2.49 -2.85
C LEU A 18 -2.32 -3.54 -1.88
N ASN A 19 -2.12 -3.34 -0.56
CA ASN A 19 -2.65 -4.17 0.49
C ASN A 19 -4.18 -4.19 0.50
N ASN A 20 -4.83 -3.02 0.35
CA ASN A 20 -6.28 -2.90 0.25
C ASN A 20 -6.82 -3.56 -1.02
N LEU A 21 -6.15 -3.39 -2.17
CA LEU A 21 -6.50 -4.03 -3.42
C LEU A 21 -6.35 -5.55 -3.36
N LYS A 22 -5.25 -6.06 -2.77
CA LYS A 22 -4.89 -7.48 -2.70
C LYS A 22 -5.99 -8.37 -2.15
N CYS A 23 -6.70 -7.89 -1.11
CA CYS A 23 -7.84 -8.56 -0.52
C CYS A 23 -8.97 -8.87 -1.48
N LYS A 24 -9.32 -7.93 -2.39
CA LYS A 24 -10.31 -8.19 -3.42
C LYS A 24 -9.71 -8.77 -4.68
N LEU A 25 -8.58 -8.22 -5.14
CA LEU A 25 -7.89 -8.54 -6.39
C LEU A 25 -7.36 -9.96 -6.47
N ALA A 26 -6.81 -10.50 -5.36
CA ALA A 26 -6.37 -11.88 -5.29
C ALA A 26 -7.41 -12.74 -4.58
N GLY A 27 -8.54 -12.16 -4.16
CA GLY A 27 -9.67 -12.87 -3.57
C GLY A 27 -9.51 -13.27 -2.13
N GLY A 28 -8.39 -12.89 -1.47
CA GLY A 28 -8.01 -13.47 -0.18
C GLY A 28 -8.70 -12.94 1.05
N CYS A 29 -9.44 -11.83 0.96
CA CYS A 29 -10.19 -11.30 2.09
C CYS A 29 -11.18 -10.20 1.67
N PRO A 30 -12.00 -10.34 0.64
CA PRO A 30 -12.77 -9.24 0.09
C PRO A 30 -13.76 -8.53 1.04
N PRO A 31 -13.70 -7.24 1.34
CA PRO A 31 -14.79 -6.58 2.07
C PRO A 31 -15.97 -6.31 1.15
N GLY A 1 16.25 6.31 4.29
CA GLY A 1 15.36 7.35 4.77
C GLY A 1 15.84 8.71 4.34
N PHE A 2 15.67 9.70 5.23
CA PHE A 2 16.27 11.04 5.16
C PHE A 2 15.39 12.04 4.42
N LEU A 3 14.42 11.59 3.60
CA LEU A 3 13.60 12.51 2.82
C LEU A 3 12.23 12.69 3.43
N ASP A 4 11.93 11.95 4.52
CA ASP A 4 10.83 12.06 5.47
C ASP A 4 9.42 11.83 4.92
N ILE A 5 9.24 12.00 3.59
CA ILE A 5 8.03 11.74 2.86
C ILE A 5 8.35 10.89 1.65
N ILE A 6 9.35 11.29 0.84
CA ILE A 6 9.53 10.88 -0.55
C ILE A 6 9.77 9.39 -0.78
N LYS A 7 10.61 8.72 0.03
CA LYS A 7 10.80 7.28 -0.07
C LYS A 7 10.21 6.63 1.17
N ASP A 8 9.55 7.46 2.00
CA ASP A 8 9.35 7.23 3.40
C ASP A 8 7.86 6.97 3.62
N THR A 9 7.02 8.00 3.85
CA THR A 9 5.58 7.85 3.95
C THR A 9 4.87 7.70 2.61
N GLY A 10 5.47 8.19 1.49
CA GLY A 10 4.82 8.23 0.19
C GLY A 10 4.68 6.90 -0.49
N LYS A 11 5.32 5.86 0.08
CA LYS A 11 5.12 4.47 -0.28
C LYS A 11 3.71 3.99 -0.01
N GLU A 12 3.07 4.46 1.08
CA GLU A 12 1.75 4.06 1.54
C GLU A 12 0.66 4.27 0.52
N PHE A 13 0.73 5.37 -0.25
CA PHE A 13 -0.21 5.72 -1.30
C PHE A 13 -0.31 4.64 -2.38
N ALA A 14 0.82 4.03 -2.79
CA ALA A 14 0.76 2.89 -3.68
C ALA A 14 0.62 1.58 -2.92
N VAL A 15 1.54 1.28 -1.99
CA VAL A 15 1.69 -0.02 -1.36
C VAL A 15 0.53 -0.41 -0.48
N LYS A 16 0.04 0.51 0.38
CA LYS A 16 -1.04 0.22 1.31
C LYS A 16 -2.37 0.09 0.61
N ILE A 17 -2.64 0.92 -0.41
CA ILE A 17 -3.79 0.79 -1.28
C ILE A 17 -3.76 -0.52 -2.07
N LEU A 18 -2.60 -0.93 -2.63
CA LEU A 18 -2.43 -2.24 -3.25
C LEU A 18 -2.64 -3.40 -2.28
N ASN A 19 -2.14 -3.30 -1.03
CA ASN A 19 -2.40 -4.26 0.03
C ASN A 19 -3.88 -4.40 0.34
N ASN A 20 -4.62 -3.28 0.44
CA ASN A 20 -6.06 -3.27 0.64
C ASN A 20 -6.82 -3.83 -0.57
N LEU A 21 -6.40 -3.48 -1.80
CA LEU A 21 -6.95 -4.00 -3.05
C LEU A 21 -6.77 -5.50 -3.20
N LYS A 22 -5.59 -6.05 -2.82
CA LYS A 22 -5.22 -7.45 -2.92
C LYS A 22 -6.21 -8.39 -2.25
N CYS A 23 -6.82 -7.96 -1.14
CA CYS A 23 -7.90 -8.68 -0.46
C CYS A 23 -9.10 -9.00 -1.35
N LYS A 24 -9.54 -8.06 -2.21
CA LYS A 24 -10.52 -8.35 -3.23
C LYS A 24 -9.91 -8.90 -4.51
N LEU A 25 -8.83 -8.28 -5.01
CA LEU A 25 -8.21 -8.56 -6.31
C LEU A 25 -7.63 -9.96 -6.44
N ALA A 26 -6.97 -10.48 -5.39
CA ALA A 26 -6.46 -11.83 -5.38
C ALA A 26 -7.40 -12.76 -4.60
N GLY A 27 -8.56 -12.23 -4.15
CA GLY A 27 -9.64 -12.99 -3.52
C GLY A 27 -9.42 -13.39 -2.09
N GLY A 28 -8.30 -12.97 -1.46
CA GLY A 28 -7.86 -13.55 -0.20
C GLY A 28 -8.53 -13.08 1.06
N CYS A 29 -9.32 -11.98 1.02
CA CYS A 29 -10.02 -11.50 2.20
C CYS A 29 -11.05 -10.41 1.85
N PRO A 30 -11.93 -10.54 0.86
CA PRO A 30 -12.79 -9.44 0.42
C PRO A 30 -13.72 -8.85 1.51
N PRO A 31 -13.70 -7.57 1.89
CA PRO A 31 -14.67 -7.07 2.86
C PRO A 31 -16.01 -6.79 2.20
N GLY A 1 15.66 8.57 0.98
CA GLY A 1 15.93 7.75 2.15
C GLY A 1 15.72 8.54 3.39
N PHE A 2 16.45 9.66 3.50
CA PHE A 2 16.51 10.58 4.64
C PHE A 2 15.37 11.60 4.67
N LEU A 3 14.68 11.79 3.53
CA LEU A 3 13.78 12.90 3.28
C LEU A 3 12.46 12.84 4.05
N ASP A 4 12.14 11.69 4.68
CA ASP A 4 11.06 11.35 5.61
C ASP A 4 9.69 12.01 5.55
N ILE A 5 9.31 12.44 4.34
CA ILE A 5 8.00 12.89 3.97
C ILE A 5 7.74 12.01 2.76
N ILE A 6 8.30 12.37 1.59
CA ILE A 6 8.02 11.77 0.29
C ILE A 6 8.34 10.28 0.20
N LYS A 7 9.49 9.82 0.73
CA LYS A 7 9.83 8.40 0.73
C LYS A 7 8.85 7.59 1.56
N ASP A 8 8.41 8.14 2.71
CA ASP A 8 7.62 7.40 3.65
C ASP A 8 6.14 7.41 3.33
N THR A 9 5.56 8.57 2.97
CA THR A 9 4.17 8.68 2.53
C THR A 9 3.92 7.98 1.22
N GLY A 10 4.90 8.06 0.27
CA GLY A 10 4.79 7.38 -1.02
C GLY A 10 4.80 5.88 -0.93
N LYS A 11 5.65 5.29 -0.04
CA LYS A 11 5.56 3.86 0.23
C LYS A 11 4.29 3.47 0.96
N GLU A 12 3.81 4.29 1.92
CA GLU A 12 2.63 4.02 2.71
C GLU A 12 1.37 3.94 1.85
N PHE A 13 1.19 4.94 0.96
CA PHE A 13 0.09 5.00 0.02
C PHE A 13 0.10 3.84 -0.98
N ALA A 14 1.27 3.54 -1.59
CA ALA A 14 1.38 2.45 -2.54
C ALA A 14 1.18 1.07 -1.94
N VAL A 15 1.83 0.76 -0.80
CA VAL A 15 1.71 -0.52 -0.12
C VAL A 15 0.29 -0.76 0.40
N LYS A 16 -0.37 0.28 0.95
CA LYS A 16 -1.75 0.21 1.39
C LYS A 16 -2.72 -0.14 0.26
N ILE A 17 -2.58 0.51 -0.91
CA ILE A 17 -3.37 0.20 -2.09
C ILE A 17 -3.08 -1.20 -2.61
N LEU A 18 -1.79 -1.59 -2.77
CA LEU A 18 -1.41 -2.90 -3.26
C LEU A 18 -1.86 -4.06 -2.38
N ASN A 19 -1.71 -3.94 -1.05
CA ASN A 19 -2.18 -4.93 -0.10
C ASN A 19 -3.71 -5.08 -0.13
N ASN A 20 -4.44 -3.94 -0.20
CA ASN A 20 -5.88 -3.94 -0.34
C ASN A 20 -6.34 -4.58 -1.65
N LEU A 21 -5.68 -4.26 -2.80
CA LEU A 21 -5.97 -4.90 -4.08
C LEU A 21 -5.67 -6.39 -4.09
N LYS A 22 -4.52 -6.83 -3.54
CA LYS A 22 -4.18 -8.25 -3.41
C LYS A 22 -5.19 -9.00 -2.56
N CYS A 23 -5.63 -8.44 -1.43
CA CYS A 23 -6.71 -9.00 -0.65
C CYS A 23 -8.02 -9.06 -1.42
N LYS A 24 -8.45 -7.96 -2.06
CA LYS A 24 -9.75 -7.89 -2.69
C LYS A 24 -9.91 -8.67 -3.99
N LEU A 25 -8.96 -8.60 -4.94
CA LEU A 25 -9.13 -9.18 -6.27
C LEU A 25 -8.24 -10.37 -6.56
N ALA A 26 -7.34 -10.73 -5.64
CA ALA A 26 -6.40 -11.81 -5.86
C ALA A 26 -6.24 -12.65 -4.60
N GLY A 27 -7.33 -12.63 -3.80
CA GLY A 27 -7.56 -13.50 -2.66
C GLY A 27 -9.05 -13.66 -2.52
N GLY A 28 -9.77 -12.53 -2.34
CA GLY A 28 -11.21 -12.43 -2.59
C GLY A 28 -11.96 -11.83 -1.45
N CYS A 29 -11.29 -11.55 -0.32
CA CYS A 29 -11.88 -11.01 0.89
C CYS A 29 -12.35 -9.56 0.76
N PRO A 30 -13.32 -9.07 1.54
CA PRO A 30 -13.38 -7.66 1.88
C PRO A 30 -12.28 -7.31 2.88
N PRO A 31 -11.80 -6.08 3.02
CA PRO A 31 -11.01 -5.68 4.18
C PRO A 31 -11.89 -5.54 5.41
N GLY A 1 17.22 7.77 2.90
CA GLY A 1 16.43 7.77 4.12
C GLY A 1 15.98 9.16 4.44
N PHE A 2 16.85 10.14 4.15
CA PHE A 2 16.77 11.55 4.52
C PHE A 2 15.58 12.28 3.90
N LEU A 3 15.00 11.70 2.83
CA LEU A 3 13.81 12.18 2.15
C LEU A 3 12.58 12.32 3.05
N ASP A 4 12.47 11.46 4.09
CA ASP A 4 11.62 11.54 5.27
C ASP A 4 10.10 11.84 5.16
N ILE A 5 9.58 11.91 3.93
CA ILE A 5 8.16 11.80 3.63
C ILE A 5 8.01 10.73 2.55
N ILE A 6 8.96 10.71 1.58
CA ILE A 6 8.95 9.82 0.43
C ILE A 6 9.08 8.35 0.80
N LYS A 7 9.91 8.03 1.81
CA LYS A 7 10.17 6.64 2.18
C LYS A 7 9.20 6.18 3.26
N ASP A 8 8.21 7.03 3.59
CA ASP A 8 7.31 6.87 4.71
C ASP A 8 5.88 6.75 4.19
N THR A 9 5.21 7.88 3.96
CA THR A 9 3.88 7.97 3.36
C THR A 9 3.92 7.80 1.86
N GLY A 10 4.94 8.39 1.18
CA GLY A 10 5.01 8.41 -0.29
C GLY A 10 5.10 7.08 -0.97
N LYS A 11 5.78 6.10 -0.35
CA LYS A 11 5.81 4.71 -0.79
C LYS A 11 4.44 4.05 -0.75
N GLU A 12 3.60 4.40 0.24
CA GLU A 12 2.50 3.58 0.65
C GLU A 12 1.15 4.17 0.41
N PHE A 13 1.12 5.34 -0.25
CA PHE A 13 -0.04 5.82 -0.99
C PHE A 13 -0.40 4.83 -2.09
N ALA A 14 0.60 4.30 -2.81
CA ALA A 14 0.37 3.17 -3.68
C ALA A 14 0.39 1.84 -2.94
N VAL A 15 1.49 1.51 -2.21
CA VAL A 15 1.73 0.17 -1.69
C VAL A 15 0.71 -0.31 -0.64
N LYS A 16 0.27 0.51 0.33
CA LYS A 16 -0.67 -0.01 1.33
C LYS A 16 -2.10 -0.11 0.80
N ILE A 17 -2.46 0.72 -0.21
CA ILE A 17 -3.68 0.53 -0.98
C ILE A 17 -3.62 -0.74 -1.82
N LEU A 18 -2.49 -1.01 -2.51
CA LEU A 18 -2.25 -2.25 -3.24
C LEU A 18 -2.29 -3.48 -2.35
N ASN A 19 -1.76 -3.40 -1.11
CA ASN A 19 -1.85 -4.46 -0.11
C ASN A 19 -3.30 -4.82 0.23
N ASN A 20 -4.17 -3.81 0.43
CA ASN A 20 -5.60 -4.00 0.64
C ASN A 20 -6.30 -4.57 -0.60
N LEU A 21 -6.01 -4.00 -1.79
CA LEU A 21 -6.55 -4.43 -3.07
C LEU A 21 -6.19 -5.86 -3.44
N LYS A 22 -4.95 -6.30 -3.12
CA LYS A 22 -4.46 -7.64 -3.39
C LYS A 22 -5.30 -8.73 -2.74
N CYS A 23 -5.79 -8.51 -1.49
CA CYS A 23 -6.72 -9.40 -0.82
C CYS A 23 -8.03 -9.52 -1.58
N LYS A 24 -8.57 -8.39 -2.07
CA LYS A 24 -9.78 -8.38 -2.87
C LYS A 24 -9.63 -9.04 -4.26
N LEU A 25 -8.54 -8.76 -5.00
CA LEU A 25 -8.42 -9.23 -6.38
C LEU A 25 -7.73 -10.56 -6.55
N ALA A 26 -7.00 -11.07 -5.54
CA ALA A 26 -6.35 -12.37 -5.60
C ALA A 26 -6.92 -13.33 -4.58
N GLY A 27 -8.05 -12.99 -3.95
CA GLY A 27 -8.66 -13.83 -2.94
C GLY A 27 -10.13 -13.59 -2.74
N GLY A 28 -10.63 -12.37 -3.05
CA GLY A 28 -12.06 -12.05 -3.01
C GLY A 28 -12.51 -11.43 -1.71
N CYS A 29 -11.63 -11.35 -0.70
CA CYS A 29 -12.00 -10.90 0.62
C CYS A 29 -11.94 -9.38 0.75
N PRO A 30 -12.97 -8.68 1.25
CA PRO A 30 -12.77 -7.37 1.85
C PRO A 30 -12.14 -7.50 3.24
N PRO A 31 -11.47 -6.52 3.82
CA PRO A 31 -11.24 -6.49 5.26
C PRO A 31 -12.51 -6.18 6.02
N GLY A 1 16.57 8.08 1.47
CA GLY A 1 16.69 7.36 2.71
C GLY A 1 16.37 8.23 3.88
N PHE A 2 16.76 9.50 3.80
CA PHE A 2 16.60 10.50 4.86
C PHE A 2 15.38 11.37 4.64
N LEU A 3 14.84 11.36 3.40
CA LEU A 3 13.74 12.21 2.99
C LEU A 3 12.39 11.69 3.47
N ASP A 4 12.15 11.64 4.79
CA ASP A 4 10.90 11.21 5.39
C ASP A 4 9.68 12.04 4.95
N ILE A 5 8.69 11.34 4.38
CA ILE A 5 7.48 11.73 3.65
C ILE A 5 7.63 11.34 2.18
N ILE A 6 8.87 11.25 1.67
CA ILE A 6 9.13 10.82 0.30
C ILE A 6 9.73 9.42 0.29
N LYS A 7 10.58 9.07 1.27
CA LYS A 7 11.18 7.74 1.31
C LYS A 7 10.23 6.67 1.82
N ASP A 8 9.16 7.10 2.52
CA ASP A 8 8.19 6.28 3.22
C ASP A 8 6.75 6.61 2.80
N THR A 9 6.12 7.66 3.37
CA THR A 9 4.65 7.86 3.34
C THR A 9 4.04 8.01 1.97
N GLY A 10 4.69 8.75 1.03
CA GLY A 10 4.23 8.84 -0.36
C GLY A 10 4.18 7.53 -1.11
N LYS A 11 5.07 6.58 -0.77
CA LYS A 11 5.01 5.22 -1.27
C LYS A 11 3.95 4.41 -0.54
N GLU A 12 3.89 4.57 0.80
CA GLU A 12 3.02 3.84 1.70
C GLU A 12 1.55 4.03 1.37
N PHE A 13 1.15 5.26 0.98
CA PHE A 13 -0.20 5.54 0.51
C PHE A 13 -0.62 4.66 -0.67
N ALA A 14 0.26 4.50 -1.70
CA ALA A 14 0.04 3.58 -2.79
C ALA A 14 0.06 2.12 -2.36
N VAL A 15 1.03 1.70 -1.52
CA VAL A 15 1.17 0.34 -1.00
C VAL A 15 -0.04 -0.10 -0.18
N LYS A 16 -0.60 0.80 0.65
CA LYS A 16 -1.80 0.58 1.44
C LYS A 16 -3.02 0.25 0.58
N ILE A 17 -3.22 1.03 -0.51
CA ILE A 17 -4.25 0.77 -1.50
C ILE A 17 -4.00 -0.51 -2.26
N LEU A 18 -2.75 -0.75 -2.71
CA LEU A 18 -2.35 -1.95 -3.43
C LEU A 18 -2.53 -3.22 -2.62
N ASN A 19 -2.19 -3.23 -1.31
CA ASN A 19 -2.43 -4.35 -0.43
C ASN A 19 -3.92 -4.66 -0.24
N ASN A 20 -4.76 -3.62 -0.06
CA ASN A 20 -6.21 -3.78 0.01
C ASN A 20 -6.80 -4.36 -1.28
N LEU A 21 -6.35 -3.84 -2.44
CA LEU A 21 -6.68 -4.37 -3.75
C LEU A 21 -6.18 -5.78 -3.98
N LYS A 22 -4.95 -6.12 -3.52
CA LYS A 22 -4.39 -7.47 -3.61
C LYS A 22 -5.22 -8.50 -2.87
N CYS A 23 -5.69 -8.16 -1.65
CA CYS A 23 -6.62 -8.96 -0.87
C CYS A 23 -7.94 -9.21 -1.58
N LYS A 24 -8.51 -8.17 -2.22
CA LYS A 24 -9.70 -8.31 -3.04
C LYS A 24 -9.50 -9.08 -4.33
N LEU A 25 -8.45 -8.78 -5.11
CA LEU A 25 -8.27 -9.29 -6.47
C LEU A 25 -7.62 -10.66 -6.52
N ALA A 26 -6.97 -11.10 -5.42
CA ALA A 26 -6.55 -12.48 -5.29
C ALA A 26 -7.60 -13.29 -4.54
N GLY A 27 -8.65 -12.61 -4.02
CA GLY A 27 -9.80 -13.23 -3.38
C GLY A 27 -9.58 -13.72 -1.97
N GLY A 28 -8.37 -13.54 -1.42
CA GLY A 28 -7.97 -14.17 -0.16
C GLY A 28 -8.42 -13.48 1.09
N CYS A 29 -8.83 -12.20 0.99
CA CYS A 29 -9.30 -11.48 2.15
C CYS A 29 -10.05 -10.19 1.80
N PRO A 30 -11.03 -10.13 0.88
CA PRO A 30 -11.74 -8.89 0.58
C PRO A 30 -12.45 -8.21 1.76
N PRO A 31 -12.18 -6.97 2.18
CA PRO A 31 -13.02 -6.32 3.17
C PRO A 31 -14.27 -5.75 2.52
N GLY A 1 15.16 9.28 0.09
CA GLY A 1 15.01 8.69 1.40
C GLY A 1 15.10 9.76 2.45
N PHE A 2 16.23 10.51 2.44
CA PHE A 2 16.68 11.42 3.48
C PHE A 2 15.84 12.70 3.57
N LEU A 3 14.99 12.97 2.55
CA LEU A 3 14.06 14.08 2.55
C LEU A 3 12.91 13.86 3.53
N ASP A 4 12.74 12.60 3.97
CA ASP A 4 11.90 12.18 5.07
C ASP A 4 10.39 12.40 4.90
N ILE A 5 9.92 12.15 3.66
CA ILE A 5 8.51 11.88 3.36
C ILE A 5 8.43 10.64 2.47
N ILE A 6 9.47 10.41 1.62
CA ILE A 6 9.49 9.43 0.55
C ILE A 6 9.35 7.98 1.02
N LYS A 7 10.11 7.58 2.07
CA LYS A 7 10.11 6.20 2.54
C LYS A 7 9.09 6.05 3.65
N ASP A 8 8.44 7.16 4.01
CA ASP A 8 7.58 7.36 5.14
C ASP A 8 6.15 7.15 4.67
N THR A 9 5.47 8.24 4.27
CA THR A 9 4.09 8.24 3.80
C THR A 9 3.99 8.26 2.29
N GLY A 10 5.10 8.54 1.55
CA GLY A 10 5.07 8.56 0.09
C GLY A 10 4.87 7.19 -0.53
N LYS A 11 5.52 6.16 0.03
CA LYS A 11 5.26 4.77 -0.29
C LYS A 11 3.85 4.32 0.09
N GLU A 12 3.33 4.85 1.22
CA GLU A 12 2.25 4.30 2.00
C GLU A 12 0.92 4.29 1.27
N PHE A 13 0.63 5.37 0.51
CA PHE A 13 -0.55 5.46 -0.32
C PHE A 13 -0.64 4.33 -1.36
N ALA A 14 0.47 4.06 -2.09
CA ALA A 14 0.56 2.97 -3.03
C ALA A 14 0.51 1.59 -2.37
N VAL A 15 1.29 1.39 -1.28
CA VAL A 15 1.37 0.11 -0.56
C VAL A 15 0.03 -0.31 0.03
N LYS A 16 -0.73 0.62 0.63
CA LYS A 16 -2.06 0.36 1.16
C LYS A 16 -3.04 -0.09 0.08
N ILE A 17 -3.02 0.59 -1.09
CA ILE A 17 -3.82 0.21 -2.24
C ILE A 17 -3.42 -1.17 -2.78
N LEU A 18 -2.12 -1.45 -2.94
CA LEU A 18 -1.62 -2.75 -3.38
C LEU A 18 -1.99 -3.89 -2.45
N ASN A 19 -1.89 -3.70 -1.11
CA ASN A 19 -2.31 -4.68 -0.12
C ASN A 19 -3.80 -4.98 -0.21
N ASN A 20 -4.65 -3.95 -0.38
CA ASN A 20 -6.08 -4.09 -0.59
C ASN A 20 -6.39 -4.80 -1.92
N LEU A 21 -5.71 -4.42 -3.03
CA LEU A 21 -5.85 -5.05 -4.32
C LEU A 21 -5.45 -6.51 -4.34
N LYS A 22 -4.36 -6.91 -3.67
CA LYS A 22 -3.97 -8.30 -3.56
C LYS A 22 -5.02 -9.14 -2.81
N CYS A 23 -5.59 -8.62 -1.71
CA CYS A 23 -6.70 -9.25 -1.00
C CYS A 23 -7.95 -9.40 -1.88
N LYS A 24 -8.34 -8.31 -2.59
CA LYS A 24 -9.45 -8.33 -3.51
C LYS A 24 -9.28 -9.21 -4.73
N LEU A 25 -8.11 -9.22 -5.40
CA LEU A 25 -7.96 -9.84 -6.69
C LEU A 25 -7.42 -11.26 -6.63
N ALA A 26 -6.76 -11.64 -5.51
CA ALA A 26 -6.20 -12.98 -5.36
C ALA A 26 -6.94 -13.81 -4.32
N GLY A 27 -8.14 -13.38 -3.90
CA GLY A 27 -8.92 -14.16 -2.94
C GLY A 27 -10.29 -13.61 -2.68
N GLY A 28 -10.56 -12.34 -3.02
CA GLY A 28 -11.92 -11.79 -3.05
C GLY A 28 -12.33 -11.11 -1.77
N CYS A 29 -11.55 -11.29 -0.70
CA CYS A 29 -11.84 -10.79 0.64
C CYS A 29 -11.96 -9.27 0.77
N PRO A 30 -12.79 -8.71 1.64
CA PRO A 30 -12.58 -7.37 2.16
C PRO A 30 -11.44 -7.39 3.19
N PRO A 31 -10.58 -6.40 3.34
CA PRO A 31 -9.58 -6.40 4.40
C PRO A 31 -10.21 -6.16 5.76
N GLY A 1 18.23 9.30 1.75
CA GLY A 1 16.81 9.32 1.45
C GLY A 1 16.03 9.79 2.63
N PHE A 2 16.74 10.20 3.70
CA PHE A 2 16.19 10.61 4.99
C PHE A 2 15.58 12.01 4.98
N LEU A 3 14.50 12.19 4.20
CA LEU A 3 13.65 13.37 4.28
C LEU A 3 12.40 13.02 5.05
N ASP A 4 12.18 11.70 5.26
CA ASP A 4 11.04 10.97 5.77
C ASP A 4 9.69 11.62 5.65
N ILE A 5 9.26 11.77 4.38
CA ILE A 5 7.87 11.88 4.03
C ILE A 5 7.67 11.51 2.57
N ILE A 6 8.69 11.69 1.69
CA ILE A 6 8.63 11.27 0.28
C ILE A 6 8.65 9.77 0.10
N LYS A 7 9.62 9.10 0.77
CA LYS A 7 9.81 7.67 0.76
C LYS A 7 8.69 6.96 1.53
N ASP A 8 8.03 7.69 2.43
CA ASP A 8 7.26 7.08 3.49
C ASP A 8 5.77 7.25 3.25
N THR A 9 5.32 8.42 2.75
CA THR A 9 3.97 8.52 2.16
C THR A 9 3.88 7.75 0.86
N GLY A 10 4.91 7.81 -0.01
CA GLY A 10 4.92 7.11 -1.28
C GLY A 10 4.90 5.60 -1.18
N LYS A 11 5.55 5.02 -0.15
CA LYS A 11 5.38 3.60 0.16
C LYS A 11 3.97 3.26 0.58
N GLU A 12 3.34 4.03 1.49
CA GLU A 12 1.97 3.77 1.92
C GLU A 12 0.94 3.94 0.83
N PHE A 13 1.04 5.01 0.02
CA PHE A 13 0.13 5.29 -1.07
C PHE A 13 0.13 4.20 -2.14
N ALA A 14 1.31 3.68 -2.53
CA ALA A 14 1.34 2.57 -3.45
C ALA A 14 1.09 1.22 -2.79
N VAL A 15 1.90 0.84 -1.78
CA VAL A 15 1.92 -0.51 -1.24
C VAL A 15 0.68 -0.85 -0.42
N LYS A 16 0.22 0.06 0.47
CA LYS A 16 -0.92 -0.22 1.32
C LYS A 16 -2.22 -0.33 0.54
N ILE A 17 -2.43 0.57 -0.44
CA ILE A 17 -3.55 0.50 -1.36
C ILE A 17 -3.49 -0.75 -2.24
N LEU A 18 -2.32 -1.12 -2.80
CA LEU A 18 -2.14 -2.38 -3.51
C LEU A 18 -2.38 -3.61 -2.66
N ASN A 19 -1.98 -3.62 -1.38
CA ASN A 19 -2.30 -4.68 -0.43
C ASN A 19 -3.81 -4.82 -0.22
N ASN A 20 -4.52 -3.69 -0.03
CA ASN A 20 -5.97 -3.67 0.10
C ASN A 20 -6.68 -4.14 -1.18
N LEU A 21 -6.19 -3.70 -2.36
CA LEU A 21 -6.67 -4.18 -3.64
C LEU A 21 -6.43 -5.66 -3.87
N LYS A 22 -5.21 -6.19 -3.56
CA LYS A 22 -4.86 -7.59 -3.71
C LYS A 22 -5.76 -8.52 -2.89
N CYS A 23 -6.14 -8.09 -1.66
CA CYS A 23 -7.13 -8.78 -0.84
C CYS A 23 -8.48 -8.98 -1.50
N LYS A 24 -9.01 -7.99 -2.24
CA LYS A 24 -10.23 -8.17 -3.00
C LYS A 24 -10.00 -8.85 -4.35
N LEU A 25 -9.00 -8.40 -5.13
CA LEU A 25 -8.75 -8.86 -6.50
C LEU A 25 -8.27 -10.31 -6.60
N ALA A 26 -7.46 -10.79 -5.64
CA ALA A 26 -7.05 -12.19 -5.62
C ALA A 26 -7.90 -13.00 -4.65
N GLY A 27 -8.93 -12.38 -4.03
CA GLY A 27 -9.94 -13.06 -3.24
C GLY A 27 -9.53 -13.48 -1.85
N GLY A 28 -8.30 -13.16 -1.42
CA GLY A 28 -7.73 -13.74 -0.20
C GLY A 28 -8.18 -13.13 1.10
N CYS A 29 -8.82 -11.94 1.07
CA CYS A 29 -9.37 -11.33 2.28
C CYS A 29 -10.31 -10.16 1.95
N PRO A 30 -11.33 -10.29 1.09
CA PRO A 30 -12.19 -9.17 0.74
C PRO A 30 -12.96 -8.50 1.89
N PRO A 31 -12.85 -7.20 2.21
CA PRO A 31 -13.81 -6.55 3.09
C PRO A 31 -15.11 -6.26 2.36
N GLY A 1 11.34 9.16 -2.20
CA GLY A 1 12.54 9.97 -2.12
C GLY A 1 13.26 9.68 -0.85
N PHE A 2 14.52 10.15 -0.71
CA PHE A 2 15.36 9.88 0.44
C PHE A 2 14.86 10.46 1.77
N LEU A 3 14.34 11.70 1.75
CA LEU A 3 14.01 12.46 2.93
C LEU A 3 12.99 11.81 3.88
N ASP A 4 13.18 12.03 5.19
CA ASP A 4 12.48 11.40 6.31
C ASP A 4 11.07 11.91 6.55
N ILE A 5 10.30 11.92 5.45
CA ILE A 5 8.86 12.04 5.36
C ILE A 5 8.55 11.15 4.18
N ILE A 6 9.07 11.55 3.00
CA ILE A 6 8.84 11.00 1.68
C ILE A 6 9.17 9.52 1.58
N LYS A 7 10.27 9.06 2.21
CA LYS A 7 10.71 7.68 2.13
C LYS A 7 9.69 6.65 2.60
N ASP A 8 8.83 6.99 3.58
CA ASP A 8 7.81 6.08 4.03
C ASP A 8 6.39 6.57 3.83
N THR A 9 6.13 7.88 3.61
CA THR A 9 4.81 8.29 3.12
C THR A 9 4.56 7.82 1.70
N GLY A 10 5.58 7.86 0.82
CA GLY A 10 5.49 7.33 -0.53
C GLY A 10 5.40 5.83 -0.58
N LYS A 11 6.13 5.11 0.31
CA LYS A 11 5.97 3.68 0.44
C LYS A 11 4.60 3.28 0.98
N GLU A 12 4.07 3.94 2.03
CA GLU A 12 2.73 3.68 2.54
C GLU A 12 1.62 3.94 1.55
N PHE A 13 1.73 5.00 0.72
CA PHE A 13 0.76 5.26 -0.33
C PHE A 13 0.65 4.09 -1.32
N ALA A 14 1.79 3.54 -1.78
CA ALA A 14 1.77 2.34 -2.59
C ALA A 14 1.35 1.07 -1.83
N VAL A 15 1.98 0.79 -0.66
CA VAL A 15 1.79 -0.45 0.08
C VAL A 15 0.39 -0.61 0.64
N LYS A 16 -0.19 0.45 1.23
CA LYS A 16 -1.54 0.41 1.78
C LYS A 16 -2.60 0.15 0.70
N ILE A 17 -2.48 0.86 -0.45
CA ILE A 17 -3.36 0.67 -1.58
C ILE A 17 -3.18 -0.70 -2.22
N LEU A 18 -1.94 -1.15 -2.47
CA LEU A 18 -1.65 -2.47 -3.03
C LEU A 18 -2.13 -3.62 -2.16
N ASN A 19 -1.95 -3.53 -0.82
CA ASN A 19 -2.46 -4.52 0.12
C ASN A 19 -3.99 -4.63 0.08
N ASN A 20 -4.69 -3.48 0.01
CA ASN A 20 -6.13 -3.44 -0.18
C ASN A 20 -6.56 -4.00 -1.54
N LEU A 21 -5.86 -3.64 -2.63
CA LEU A 21 -6.14 -4.15 -3.96
C LEU A 21 -5.95 -5.65 -4.09
N LYS A 22 -4.87 -6.24 -3.55
CA LYS A 22 -4.68 -7.68 -3.64
C LYS A 22 -5.58 -8.48 -2.71
N CYS A 23 -6.23 -7.85 -1.70
CA CYS A 23 -7.31 -8.50 -0.97
C CYS A 23 -8.48 -8.86 -1.89
N LYS A 24 -8.91 -7.93 -2.76
CA LYS A 24 -9.85 -8.26 -3.81
C LYS A 24 -9.23 -9.06 -4.95
N LEU A 25 -8.07 -8.65 -5.49
CA LEU A 25 -7.56 -9.21 -6.73
C LEU A 25 -6.92 -10.59 -6.60
N ALA A 26 -6.46 -10.99 -5.39
CA ALA A 26 -5.85 -12.28 -5.17
C ALA A 26 -6.65 -13.13 -4.20
N GLY A 27 -7.95 -12.81 -3.98
CA GLY A 27 -8.75 -13.62 -3.07
C GLY A 27 -10.20 -13.25 -2.97
N GLY A 28 -10.60 -12.06 -3.46
CA GLY A 28 -11.99 -11.65 -3.58
C GLY A 28 -12.62 -11.12 -2.31
N CYS A 29 -11.89 -11.09 -1.19
CA CYS A 29 -12.41 -10.72 0.11
C CYS A 29 -12.87 -9.26 0.20
N PRO A 30 -13.90 -8.89 0.96
CA PRO A 30 -14.09 -7.51 1.37
C PRO A 30 -13.07 -7.15 2.47
N PRO A 31 -12.52 -5.95 2.57
CA PRO A 31 -11.89 -5.49 3.80
C PRO A 31 -12.95 -5.16 4.86
N GLY A 1 15.33 11.31 -2.50
CA GLY A 1 14.36 10.48 -1.82
C GLY A 1 14.75 10.27 -0.39
N PHE A 2 16.00 10.60 -0.05
CA PHE A 2 16.64 10.34 1.23
C PHE A 2 15.96 10.99 2.42
N LEU A 3 15.42 12.22 2.24
CA LEU A 3 14.77 12.98 3.29
C LEU A 3 13.53 12.31 3.88
N ASP A 4 13.64 11.88 5.16
CA ASP A 4 12.59 11.59 6.12
C ASP A 4 11.25 11.11 5.55
N ILE A 5 10.30 12.05 5.40
CA ILE A 5 8.94 11.85 4.94
C ILE A 5 8.82 11.14 3.59
N ILE A 6 9.68 11.49 2.60
CA ILE A 6 9.52 11.17 1.19
C ILE A 6 9.47 9.68 0.91
N LYS A 7 10.38 8.88 1.53
CA LYS A 7 10.30 7.43 1.43
C LYS A 7 9.04 6.88 2.05
N ASP A 8 8.69 7.39 3.25
CA ASP A 8 7.76 6.74 4.15
C ASP A 8 6.32 6.91 3.72
N THR A 9 5.90 8.13 3.34
CA THR A 9 4.58 8.37 2.75
C THR A 9 4.41 7.69 1.40
N GLY A 10 5.47 7.71 0.56
CA GLY A 10 5.45 7.05 -0.75
C GLY A 10 5.34 5.55 -0.70
N LYS A 11 6.00 4.89 0.28
CA LYS A 11 5.77 3.49 0.57
C LYS A 11 4.36 3.23 1.06
N GLU A 12 3.86 4.03 2.02
CA GLU A 12 2.59 3.82 2.69
C GLU A 12 1.41 3.89 1.74
N PHE A 13 1.39 4.91 0.85
CA PHE A 13 0.37 5.07 -0.17
C PHE A 13 0.33 3.89 -1.15
N ALA A 14 1.50 3.47 -1.67
CA ALA A 14 1.60 2.34 -2.57
C ALA A 14 1.25 1.00 -1.93
N VAL A 15 1.79 0.72 -0.73
CA VAL A 15 1.55 -0.52 0.02
C VAL A 15 0.10 -0.65 0.42
N LYS A 16 -0.56 0.44 0.87
CA LYS A 16 -1.98 0.44 1.20
C LYS A 16 -2.84 0.04 0.01
N ILE A 17 -2.59 0.63 -1.18
CA ILE A 17 -3.30 0.29 -2.40
C ILE A 17 -3.02 -1.14 -2.85
N LEU A 18 -1.74 -1.57 -2.89
CA LEU A 18 -1.35 -2.91 -3.32
C LEU A 18 -1.88 -4.01 -2.42
N ASN A 19 -1.80 -3.84 -1.08
CA ASN A 19 -2.35 -4.80 -0.13
C ASN A 19 -3.87 -4.93 -0.24
N ASN A 20 -4.59 -3.78 -0.37
CA ASN A 20 -6.02 -3.77 -0.58
C ASN A 20 -6.42 -4.43 -1.90
N LEU A 21 -5.71 -4.15 -3.01
CA LEU A 21 -5.93 -4.82 -4.29
C LEU A 21 -5.66 -6.31 -4.23
N LYS A 22 -4.56 -6.76 -3.60
CA LYS A 22 -4.24 -8.16 -3.43
C LYS A 22 -5.30 -8.89 -2.60
N CYS A 23 -5.77 -8.28 -1.49
CA CYS A 23 -6.92 -8.79 -0.75
C CYS A 23 -8.18 -8.84 -1.60
N LYS A 24 -8.51 -7.77 -2.34
CA LYS A 24 -9.70 -7.72 -3.15
C LYS A 24 -9.76 -8.68 -4.34
N LEU A 25 -8.70 -8.82 -5.14
CA LEU A 25 -8.77 -9.53 -6.42
C LEU A 25 -7.92 -10.77 -6.49
N ALA A 26 -7.15 -11.10 -5.43
CA ALA A 26 -6.45 -12.37 -5.36
C ALA A 26 -6.92 -13.17 -4.15
N GLY A 27 -7.16 -12.48 -3.00
CA GLY A 27 -7.78 -13.11 -1.84
C GLY A 27 -9.29 -13.12 -1.88
N GLY A 28 -9.91 -12.44 -2.87
CA GLY A 28 -11.35 -12.36 -3.07
C GLY A 28 -12.09 -11.42 -2.14
N CYS A 29 -11.62 -11.33 -0.88
CA CYS A 29 -12.34 -10.90 0.30
C CYS A 29 -12.94 -9.49 0.24
N PRO A 30 -13.98 -9.18 0.99
CA PRO A 30 -14.26 -7.80 1.37
C PRO A 30 -13.58 -7.49 2.71
N PRO A 31 -12.52 -6.69 2.81
CA PRO A 31 -11.91 -6.37 4.09
C PRO A 31 -12.78 -5.39 4.88
N GLY A 1 16.89 10.68 0.52
CA GLY A 1 16.08 9.81 1.36
C GLY A 1 15.91 10.40 2.72
N PHE A 2 16.93 11.17 3.16
CA PHE A 2 17.19 11.63 4.52
C PHE A 2 16.04 12.37 5.19
N LEU A 3 15.25 13.13 4.40
CA LEU A 3 14.12 13.89 4.87
C LEU A 3 13.02 13.05 5.53
N ASP A 4 12.83 11.81 5.06
CA ASP A 4 11.76 10.89 5.42
C ASP A 4 10.35 11.50 5.42
N ILE A 5 9.89 11.88 4.22
CA ILE A 5 8.51 12.25 3.95
C ILE A 5 8.13 11.50 2.70
N ILE A 6 8.78 11.84 1.57
CA ILE A 6 8.49 11.34 0.22
C ILE A 6 8.57 9.83 0.10
N LYS A 7 9.53 9.20 0.79
CA LYS A 7 9.61 7.75 0.90
C LYS A 7 8.34 7.12 1.48
N ASP A 8 7.80 7.73 2.56
CA ASP A 8 6.96 7.03 3.49
C ASP A 8 5.52 7.47 3.38
N THR A 9 5.26 8.65 2.81
CA THR A 9 3.98 8.96 2.17
C THR A 9 3.79 8.09 0.94
N GLY A 10 4.88 7.81 0.19
CA GLY A 10 4.90 6.84 -0.89
C GLY A 10 4.66 5.42 -0.44
N LYS A 11 5.20 4.97 0.71
CA LYS A 11 4.83 3.70 1.31
C LYS A 11 3.36 3.65 1.69
N GLU A 12 2.83 4.70 2.35
CA GLU A 12 1.45 4.77 2.78
C GLU A 12 0.46 4.75 1.61
N PHE A 13 0.73 5.55 0.55
CA PHE A 13 -0.09 5.52 -0.64
C PHE A 13 0.00 4.20 -1.40
N ALA A 14 1.21 3.71 -1.73
CA ALA A 14 1.33 2.57 -2.60
C ALA A 14 1.07 1.23 -1.92
N VAL A 15 1.73 0.95 -0.77
CA VAL A 15 1.70 -0.37 -0.15
C VAL A 15 0.33 -0.72 0.39
N LYS A 16 -0.35 0.22 1.05
CA LYS A 16 -1.69 0.04 1.56
C LYS A 16 -2.72 -0.21 0.46
N ILE A 17 -2.69 0.59 -0.63
CA ILE A 17 -3.58 0.39 -1.77
C ILE A 17 -3.30 -0.92 -2.48
N LEU A 18 -2.01 -1.25 -2.75
CA LEU A 18 -1.63 -2.52 -3.36
C LEU A 18 -2.02 -3.73 -2.53
N ASN A 19 -1.82 -3.71 -1.20
CA ASN A 19 -2.27 -4.78 -0.32
C ASN A 19 -3.79 -4.94 -0.30
N ASN A 20 -4.54 -3.82 -0.21
CA ASN A 20 -6.00 -3.82 -0.26
C ASN A 20 -6.54 -4.36 -1.58
N LEU A 21 -5.92 -3.97 -2.71
CA LEU A 21 -6.21 -4.54 -4.01
C LEU A 21 -5.85 -6.01 -4.10
N LYS A 22 -4.67 -6.44 -3.60
CA LYS A 22 -4.22 -7.83 -3.61
C LYS A 22 -5.17 -8.77 -2.89
N CYS A 23 -5.70 -8.32 -1.73
CA CYS A 23 -6.74 -8.99 -0.97
C CYS A 23 -8.02 -9.24 -1.74
N LYS A 24 -8.49 -8.26 -2.54
CA LYS A 24 -9.65 -8.47 -3.40
C LYS A 24 -9.33 -9.22 -4.70
N LEU A 25 -8.22 -8.89 -5.39
CA LEU A 25 -7.81 -9.47 -6.66
C LEU A 25 -7.45 -10.94 -6.59
N ALA A 26 -6.75 -11.36 -5.53
CA ALA A 26 -6.40 -12.76 -5.35
C ALA A 26 -7.40 -13.46 -4.42
N GLY A 27 -8.41 -12.71 -3.92
CA GLY A 27 -9.55 -13.23 -3.18
C GLY A 27 -9.28 -13.62 -1.75
N GLY A 28 -8.04 -13.42 -1.25
CA GLY A 28 -7.61 -13.99 0.02
C GLY A 28 -8.03 -13.27 1.27
N CYS A 29 -8.60 -12.05 1.15
CA CYS A 29 -9.07 -11.32 2.31
C CYS A 29 -9.96 -10.12 1.96
N PRO A 30 -11.06 -10.22 1.20
CA PRO A 30 -12.00 -9.12 1.10
C PRO A 30 -12.59 -8.66 2.44
N PRO A 31 -12.53 -7.42 2.90
CA PRO A 31 -13.04 -7.04 4.22
C PRO A 31 -14.56 -6.99 4.21
N GLY A 1 13.49 4.48 1.09
CA GLY A 1 14.15 4.55 2.38
C GLY A 1 14.53 5.95 2.74
N PHE A 2 13.68 6.61 3.55
CA PHE A 2 13.96 7.83 4.30
C PHE A 2 14.09 9.11 3.49
N LEU A 3 13.04 9.95 3.57
CA LEU A 3 13.12 11.36 3.25
C LEU A 3 12.14 12.06 4.18
N ASP A 4 11.92 11.45 5.37
CA ASP A 4 11.08 11.87 6.48
C ASP A 4 9.57 11.93 6.19
N ILE A 5 9.21 12.19 4.93
CA ILE A 5 7.86 12.18 4.39
C ILE A 5 7.94 11.48 3.04
N ILE A 6 8.66 12.06 2.05
CA ILE A 6 8.41 11.84 0.62
C ILE A 6 8.51 10.39 0.14
N LYS A 7 9.54 9.63 0.56
CA LYS A 7 9.67 8.24 0.15
C LYS A 7 8.78 7.33 0.97
N ASP A 8 8.26 7.83 2.10
CA ASP A 8 7.84 6.99 3.19
C ASP A 8 6.32 7.05 3.33
N THR A 9 5.70 8.22 3.17
CA THR A 9 4.28 8.35 2.89
C THR A 9 3.94 7.81 1.50
N GLY A 10 4.82 8.04 0.49
CA GLY A 10 4.64 7.51 -0.85
C GLY A 10 4.66 6.00 -0.95
N LYS A 11 5.52 5.33 -0.13
CA LYS A 11 5.45 3.89 0.05
C LYS A 11 4.16 3.45 0.73
N GLU A 12 3.72 4.15 1.80
CA GLU A 12 2.50 3.85 2.52
C GLU A 12 1.25 3.94 1.65
N PHE A 13 1.15 5.01 0.82
CA PHE A 13 0.09 5.21 -0.14
C PHE A 13 -0.01 4.08 -1.16
N ALA A 14 1.14 3.64 -1.74
CA ALA A 14 1.19 2.50 -2.63
C ALA A 14 0.79 1.18 -1.96
N VAL A 15 1.29 0.91 -0.74
CA VAL A 15 0.92 -0.25 0.06
C VAL A 15 -0.56 -0.27 0.42
N LYS A 16 -1.14 0.90 0.79
CA LYS A 16 -2.55 1.05 1.07
C LYS A 16 -3.44 0.73 -0.12
N ILE A 17 -3.07 1.20 -1.33
CA ILE A 17 -3.72 0.83 -2.58
C ILE A 17 -3.59 -0.66 -2.86
N LEU A 18 -2.38 -1.25 -2.73
CA LEU A 18 -2.16 -2.68 -2.93
C LEU A 18 -2.95 -3.56 -1.98
N ASN A 19 -3.03 -3.18 -0.69
CA ASN A 19 -3.83 -3.85 0.32
C ASN A 19 -5.32 -3.88 -0.04
N ASN A 20 -5.89 -2.73 -0.44
CA ASN A 20 -7.28 -2.65 -0.85
C ASN A 20 -7.56 -3.40 -2.16
N LEU A 21 -6.70 -3.22 -3.17
CA LEU A 21 -6.84 -3.85 -4.48
C LEU A 21 -6.70 -5.36 -4.43
N LYS A 22 -5.78 -5.90 -3.61
CA LYS A 22 -5.63 -7.33 -3.37
C LYS A 22 -6.90 -7.95 -2.81
N CYS A 23 -7.55 -7.30 -1.83
CA CYS A 23 -8.86 -7.70 -1.34
C CYS A 23 -9.92 -7.62 -2.43
N LYS A 24 -9.95 -6.49 -3.18
CA LYS A 24 -10.94 -6.25 -4.20
C LYS A 24 -10.90 -7.15 -5.42
N LEU A 25 -9.73 -7.49 -5.98
CA LEU A 25 -9.66 -8.24 -7.23
C LEU A 25 -9.05 -9.63 -7.11
N ALA A 26 -8.37 -9.97 -6.00
CA ALA A 26 -7.81 -11.31 -5.83
C ALA A 26 -8.49 -12.09 -4.73
N GLY A 27 -9.36 -11.43 -3.92
CA GLY A 27 -10.20 -12.08 -2.91
C GLY A 27 -9.49 -12.46 -1.64
N GLY A 28 -8.18 -12.21 -1.55
CA GLY A 28 -7.39 -12.44 -0.34
C GLY A 28 -7.50 -11.26 0.56
N CYS A 29 -8.61 -11.18 1.31
CA CYS A 29 -9.09 -9.93 1.89
C CYS A 29 -8.24 -9.16 2.90
N PRO A 30 -7.54 -9.79 3.84
CA PRO A 30 -6.74 -9.00 4.79
C PRO A 30 -5.23 -9.18 4.58
N PRO A 31 -4.55 -8.68 3.55
CA PRO A 31 -3.10 -8.80 3.45
C PRO A 31 -2.41 -7.86 4.43
N GLY A 1 14.93 5.17 2.19
CA GLY A 1 14.25 5.73 3.34
C GLY A 1 14.87 7.02 3.82
N PHE A 2 14.28 7.60 4.86
CA PHE A 2 14.92 8.55 5.77
C PHE A 2 14.87 10.00 5.31
N LEU A 3 13.90 10.34 4.44
CA LEU A 3 13.64 11.73 4.06
C LEU A 3 12.14 11.93 4.21
N ASP A 4 11.63 11.58 5.40
CA ASP A 4 10.26 11.79 5.86
C ASP A 4 9.19 11.44 4.81
N ILE A 5 8.21 12.33 4.60
CA ILE A 5 7.18 12.35 3.56
C ILE A 5 7.58 11.74 2.21
N ILE A 6 8.68 12.26 1.63
CA ILE A 6 9.10 12.01 0.25
C ILE A 6 9.52 10.58 0.04
N LYS A 7 10.32 10.03 0.96
CA LYS A 7 10.71 8.64 0.90
C LYS A 7 9.65 7.71 1.41
N ASP A 8 9.05 8.01 2.58
CA ASP A 8 8.47 6.96 3.37
C ASP A 8 6.95 7.00 3.41
N THR A 9 6.29 8.17 3.55
CA THR A 9 4.82 8.22 3.42
C THR A 9 4.35 8.05 2.00
N GLY A 10 5.10 8.58 1.00
CA GLY A 10 4.83 8.36 -0.41
C GLY A 10 4.92 6.91 -0.86
N LYS A 11 5.85 6.12 -0.29
CA LYS A 11 5.86 4.67 -0.46
C LYS A 11 4.66 4.01 0.21
N GLU A 12 4.33 4.42 1.47
CA GLU A 12 3.25 3.84 2.24
C GLU A 12 1.90 3.96 1.55
N PHE A 13 1.60 5.16 0.99
CA PHE A 13 0.39 5.43 0.25
C PHE A 13 0.20 4.51 -0.95
N ALA A 14 1.24 4.34 -1.79
CA ALA A 14 1.19 3.43 -2.92
C ALA A 14 1.09 1.96 -2.52
N VAL A 15 1.92 1.51 -1.56
CA VAL A 15 1.93 0.14 -1.07
C VAL A 15 0.63 -0.25 -0.39
N LYS A 16 0.07 0.64 0.46
CA LYS A 16 -1.18 0.41 1.14
C LYS A 16 -2.36 0.24 0.19
N ILE A 17 -2.50 1.13 -0.80
CA ILE A 17 -3.54 1.06 -1.81
C ILE A 17 -3.41 -0.18 -2.68
N LEU A 18 -2.21 -0.48 -3.22
CA LEU A 18 -2.00 -1.65 -4.05
C LEU A 18 -2.20 -2.97 -3.33
N ASN A 19 -1.65 -3.10 -2.09
CA ASN A 19 -1.80 -4.31 -1.30
C ASN A 19 -3.26 -4.56 -0.90
N ASN A 20 -3.99 -3.51 -0.48
CA ASN A 20 -5.39 -3.61 -0.11
C ASN A 20 -6.32 -3.84 -1.30
N LEU A 21 -6.18 -3.10 -2.42
CA LEU A 21 -7.10 -3.24 -3.56
C LEU A 21 -7.06 -4.60 -4.22
N LYS A 22 -5.87 -5.23 -4.32
CA LYS A 22 -5.76 -6.54 -4.92
C LYS A 22 -6.32 -7.68 -4.08
N CYS A 23 -6.95 -7.41 -2.91
CA CYS A 23 -7.56 -8.43 -2.06
C CYS A 23 -8.63 -9.26 -2.77
N LYS A 24 -9.53 -8.62 -3.55
CA LYS A 24 -10.53 -9.36 -4.30
C LYS A 24 -9.97 -9.95 -5.59
N LEU A 25 -8.88 -9.38 -6.13
CA LEU A 25 -8.20 -9.90 -7.30
C LEU A 25 -7.44 -11.19 -7.00
N ALA A 26 -6.76 -11.24 -5.83
CA ALA A 26 -6.24 -12.44 -5.22
C ALA A 26 -7.33 -13.43 -4.80
N GLY A 27 -8.44 -12.95 -4.21
CA GLY A 27 -9.61 -13.79 -4.04
C GLY A 27 -10.58 -13.28 -3.03
N GLY A 28 -10.26 -13.49 -1.74
CA GLY A 28 -11.07 -13.08 -0.60
C GLY A 28 -10.75 -11.67 -0.18
N CYS A 29 -11.68 -10.73 -0.39
CA CYS A 29 -11.46 -9.35 0.03
C CYS A 29 -11.42 -9.10 1.54
N PRO A 30 -12.31 -9.59 2.42
CA PRO A 30 -11.96 -9.80 3.82
C PRO A 30 -10.77 -10.75 3.98
N PRO A 31 -9.66 -10.44 4.64
CA PRO A 31 -8.47 -11.29 4.63
C PRO A 31 -8.67 -12.50 5.50
N GLY A 1 13.90 10.54 -0.43
CA GLY A 1 13.70 9.59 0.64
C GLY A 1 14.02 10.22 1.95
N PHE A 2 15.22 10.81 2.06
CA PHE A 2 15.92 11.25 3.25
C PHE A 2 15.15 12.28 4.10
N LEU A 3 14.41 13.20 3.44
CA LEU A 3 13.68 14.29 4.08
C LEU A 3 12.51 13.82 4.96
N ASP A 4 12.10 12.55 4.81
CA ASP A 4 11.04 11.90 5.55
C ASP A 4 9.65 12.52 5.38
N ILE A 5 9.42 13.06 4.18
CA ILE A 5 8.09 13.14 3.62
C ILE A 5 7.94 11.93 2.72
N ILE A 6 8.88 11.78 1.77
CA ILE A 6 8.88 10.79 0.72
C ILE A 6 8.93 9.36 1.22
N LYS A 7 9.83 9.01 2.17
CA LYS A 7 9.90 7.63 2.64
C LYS A 7 8.64 7.15 3.37
N ASP A 8 7.99 7.96 4.21
CA ASP A 8 6.75 7.55 4.86
C ASP A 8 5.54 7.60 3.94
N THR A 9 5.33 8.71 3.19
CA THR A 9 4.20 8.82 2.27
C THR A 9 4.24 7.82 1.11
N GLY A 10 5.42 7.60 0.50
CA GLY A 10 5.59 6.67 -0.60
C GLY A 10 5.46 5.23 -0.21
N LYS A 11 5.92 4.84 1.01
CA LYS A 11 5.64 3.52 1.55
C LYS A 11 4.15 3.32 1.81
N GLU A 12 3.49 4.29 2.46
CA GLU A 12 2.10 4.16 2.87
C GLU A 12 1.15 4.06 1.69
N PHE A 13 1.31 4.95 0.68
CA PHE A 13 0.44 4.97 -0.49
C PHE A 13 0.52 3.68 -1.31
N ALA A 14 1.74 3.19 -1.58
CA ALA A 14 1.94 1.96 -2.32
C ALA A 14 1.47 0.70 -1.58
N VAL A 15 1.86 0.54 -0.29
CA VAL A 15 1.51 -0.63 0.51
C VAL A 15 0.00 -0.73 0.75
N LYS A 16 -0.67 0.40 1.02
CA LYS A 16 -2.11 0.47 1.21
C LYS A 16 -2.87 -0.03 0.00
N ILE A 17 -2.48 0.42 -1.21
CA ILE A 17 -3.08 -0.03 -2.45
C ILE A 17 -2.76 -1.49 -2.73
N LEU A 18 -1.48 -1.92 -2.65
CA LEU A 18 -1.08 -3.28 -2.98
C LEU A 18 -1.70 -4.34 -2.10
N ASN A 19 -1.71 -4.14 -0.76
CA ASN A 19 -2.31 -5.07 0.17
C ASN A 19 -3.82 -5.20 -0.03
N ASN A 20 -4.53 -4.07 -0.19
CA ASN A 20 -5.96 -4.05 -0.43
C ASN A 20 -6.33 -4.69 -1.78
N LEU A 21 -5.61 -4.33 -2.86
CA LEU A 21 -5.88 -4.86 -4.20
C LEU A 21 -5.58 -6.35 -4.32
N LYS A 22 -4.45 -6.86 -3.76
CA LYS A 22 -4.18 -8.30 -3.73
C LYS A 22 -5.27 -9.04 -2.97
N CYS A 23 -5.70 -8.55 -1.79
CA CYS A 23 -6.82 -9.16 -1.07
C CYS A 23 -8.11 -9.13 -1.88
N LYS A 24 -8.51 -7.97 -2.44
CA LYS A 24 -9.77 -7.85 -3.14
C LYS A 24 -9.87 -8.62 -4.45
N LEU A 25 -8.84 -8.57 -5.32
CA LEU A 25 -8.97 -9.14 -6.66
C LEU A 25 -8.25 -10.46 -6.86
N ALA A 26 -7.36 -10.86 -5.93
CA ALA A 26 -6.58 -12.07 -6.13
C ALA A 26 -6.36 -12.86 -4.84
N GLY A 27 -7.11 -12.52 -3.78
CA GLY A 27 -7.49 -13.42 -2.69
C GLY A 27 -9.00 -13.57 -2.64
N GLY A 28 -9.73 -12.58 -3.16
CA GLY A 28 -11.18 -12.56 -3.30
C GLY A 28 -11.90 -11.87 -2.17
N CYS A 29 -11.20 -11.62 -1.06
CA CYS A 29 -11.77 -11.21 0.21
C CYS A 29 -11.95 -9.70 0.37
N PRO A 30 -12.86 -9.22 1.21
CA PRO A 30 -12.70 -7.90 1.81
C PRO A 30 -11.66 -8.00 2.94
N PRO A 31 -10.78 -7.05 3.20
CA PRO A 31 -9.79 -7.18 4.27
C PRO A 31 -10.43 -7.02 5.64
N GLY A 1 15.84 9.43 1.00
CA GLY A 1 16.49 8.65 2.04
C GLY A 1 16.39 9.31 3.38
N PHE A 2 16.32 10.64 3.40
CA PHE A 2 16.48 11.43 4.63
C PHE A 2 15.26 12.23 5.01
N LEU A 3 14.31 12.44 4.07
CA LEU A 3 13.19 13.35 4.27
C LEU A 3 11.85 12.64 4.15
N ASP A 4 11.85 11.30 4.20
CA ASP A 4 10.75 10.45 4.64
C ASP A 4 9.40 10.42 3.94
N ILE A 5 9.02 11.47 3.19
CA ILE A 5 8.02 11.37 2.13
C ILE A 5 8.66 10.59 0.98
N ILE A 6 9.91 10.96 0.69
CA ILE A 6 10.76 10.34 -0.32
C ILE A 6 11.15 8.91 -0.01
N LYS A 7 11.50 8.54 1.25
CA LYS A 7 11.74 7.14 1.56
C LYS A 7 10.48 6.35 1.91
N ASP A 8 9.59 6.83 2.80
CA ASP A 8 8.53 6.00 3.38
C ASP A 8 7.16 6.34 2.81
N THR A 9 6.58 7.51 3.17
CA THR A 9 5.14 7.77 3.01
C THR A 9 4.62 7.74 1.59
N GLY A 10 5.42 8.20 0.60
CA GLY A 10 5.08 8.07 -0.82
C GLY A 10 4.98 6.65 -1.32
N LYS A 11 5.72 5.71 -0.69
CA LYS A 11 5.58 4.29 -0.96
C LYS A 11 4.37 3.73 -0.24
N GLU A 12 4.21 4.13 1.04
CA GLU A 12 3.17 3.67 1.95
C GLU A 12 1.77 3.95 1.42
N PHE A 13 1.55 5.14 0.80
CA PHE A 13 0.31 5.47 0.12
C PHE A 13 -0.07 4.46 -0.96
N ALA A 14 0.87 4.10 -1.86
CA ALA A 14 0.66 3.09 -2.88
C ALA A 14 0.53 1.68 -2.30
N VAL A 15 1.40 1.30 -1.35
CA VAL A 15 1.43 -0.01 -0.69
C VAL A 15 0.14 -0.30 0.06
N LYS A 16 -0.43 0.70 0.77
CA LYS A 16 -1.71 0.59 1.45
C LYS A 16 -2.85 0.29 0.49
N ILE A 17 -2.89 0.99 -0.66
CA ILE A 17 -3.86 0.75 -1.72
C ILE A 17 -3.69 -0.64 -2.32
N LEU A 18 -2.45 -1.05 -2.66
CA LEU A 18 -2.14 -2.38 -3.18
C LEU A 18 -2.49 -3.50 -2.22
N ASN A 19 -2.19 -3.34 -0.92
CA ASN A 19 -2.50 -4.29 0.14
C ASN A 19 -4.01 -4.54 0.25
N ASN A 20 -4.84 -3.47 0.20
CA ASN A 20 -6.28 -3.58 0.15
C ASN A 20 -6.78 -4.15 -1.18
N LEU A 21 -6.25 -3.66 -2.33
CA LEU A 21 -6.67 -4.09 -3.65
C LEU A 21 -6.42 -5.56 -3.94
N LYS A 22 -5.26 -6.12 -3.52
CA LYS A 22 -4.98 -7.54 -3.68
C LYS A 22 -5.96 -8.43 -2.93
N CYS A 23 -6.47 -7.99 -1.76
CA CYS A 23 -7.53 -8.69 -1.05
C CYS A 23 -8.82 -8.77 -1.84
N LYS A 24 -9.24 -7.66 -2.47
CA LYS A 24 -10.45 -7.63 -3.26
C LYS A 24 -10.31 -8.29 -4.64
N LEU A 25 -9.22 -8.00 -5.40
CA LEU A 25 -9.05 -8.49 -6.76
C LEU A 25 -8.62 -9.94 -6.84
N ALA A 26 -7.71 -10.42 -5.96
CA ALA A 26 -7.23 -11.78 -6.02
C ALA A 26 -7.96 -12.67 -5.03
N GLY A 27 -8.85 -12.09 -4.20
CA GLY A 27 -9.76 -12.84 -3.34
C GLY A 27 -9.16 -13.37 -2.07
N GLY A 28 -7.89 -13.04 -1.78
CA GLY A 28 -7.13 -13.70 -0.71
C GLY A 28 -7.41 -13.25 0.70
N CYS A 29 -8.28 -12.23 0.89
CA CYS A 29 -8.60 -11.67 2.19
C CYS A 29 -9.65 -10.56 2.14
N PRO A 30 -10.73 -10.58 1.34
CA PRO A 30 -11.66 -9.44 1.23
C PRO A 30 -12.29 -9.01 2.57
N PRO A 31 -12.22 -7.77 3.04
CA PRO A 31 -12.81 -7.39 4.33
C PRO A 31 -14.31 -7.31 4.23
#